data_5MGJ
#
_entry.id   5MGJ
#
_cell.length_a   95.737
_cell.length_b   95.737
_cell.length_c   32.960
_cell.angle_alpha   90.000
_cell.angle_beta   90.000
_cell.angle_gamma   120.000
#
_symmetry.space_group_name_H-M   'P 31 2 1'
#
loop_
_entity.id
_entity.type
_entity.pdbx_description
1 polymer 'Bromodomain adjacent to zinc finger domain protein 2A'
2 non-polymer 'ethyl 4-chloranyl-1-methyl-6-oxidanylidene-pyridine-3-carboxylate'
3 water water
#
_entity_poly.entity_id   1
_entity_poly.type   'polypeptide(L)'
_entity_poly.pdbx_seq_one_letter_code
;SMHSDLTFCEIILMEMESHDAAWPFLEPVNPRLVSGYRRIIKNPMDFSTMRERLLRGGYTSSEEFAADALLVFDNCQTFN
EDDSEVGKAGHIMRRFFESRWEEFY
;
_entity_poly.pdbx_strand_id   A
#
loop_
_chem_comp.id
_chem_comp.type
_chem_comp.name
_chem_comp.formula
7MX non-polymer 'ethyl 4-chloranyl-1-methyl-6-oxidanylidene-pyridine-3-carboxylate' 'C9 H10 Cl N O3'
#
# COMPACT_ATOMS: atom_id res chain seq x y z
N HIS A 3 -13.68 16.36 5.27
CA HIS A 3 -14.38 15.33 4.50
C HIS A 3 -13.66 15.07 3.19
N SER A 4 -13.29 16.15 2.50
CA SER A 4 -12.63 16.05 1.20
C SER A 4 -11.31 15.30 1.32
N ASP A 5 -10.67 15.45 2.48
CA ASP A 5 -9.44 14.73 2.77
C ASP A 5 -9.66 13.22 2.65
N LEU A 6 -10.65 12.70 3.37
CA LEU A 6 -10.92 11.27 3.37
C LEU A 6 -11.59 10.81 2.07
N THR A 7 -12.25 11.75 1.38
CA THR A 7 -12.87 11.43 0.10
C THR A 7 -11.82 11.09 -0.95
N PHE A 8 -10.76 11.87 -1.03
CA PHE A 8 -9.63 11.52 -1.87
C PHE A 8 -8.97 10.22 -1.50
N CYS A 9 -8.81 9.93 -0.22
CA CYS A 9 -8.21 8.66 0.20
C CYS A 9 -8.96 7.49 -0.40
N GLU A 10 -10.27 7.60 -0.49
CA GLU A 10 -11.07 6.58 -1.10
C GLU A 10 -10.77 6.49 -2.58
N ILE A 11 -10.58 7.64 -3.21
CA ILE A 11 -10.36 7.68 -4.65
C ILE A 11 -9.05 6.96 -5.00
N ILE A 12 -8.01 7.29 -4.25
CA ILE A 12 -6.69 6.74 -4.51
C ILE A 12 -6.58 5.25 -4.13
N LEU A 13 -7.16 4.87 -2.99
CA LEU A 13 -7.16 3.47 -2.58
C LEU A 13 -7.85 2.61 -3.64
N MET A 14 -9.01 3.04 -4.11
CA MET A 14 -9.75 2.37 -5.18
CA MET A 14 -9.70 2.29 -5.15
C MET A 14 -8.90 2.27 -6.45
N GLU A 15 -8.19 3.35 -6.75
CA GLU A 15 -7.35 3.37 -7.94
C GLU A 15 -6.11 2.47 -7.77
N MET A 16 -5.62 2.32 -6.55
CA MET A 16 -4.53 1.39 -6.30
C MET A 16 -5.03 -0.06 -6.32
N GLU A 17 -6.17 -0.31 -5.71
CA GLU A 17 -6.76 -1.66 -5.70
C GLU A 17 -7.01 -2.21 -7.12
N SER A 18 -7.35 -1.33 -8.05
CA SER A 18 -7.66 -1.79 -9.39
C SER A 18 -6.48 -1.65 -10.36
N HIS A 19 -5.34 -1.22 -9.84
CA HIS A 19 -4.16 -1.04 -10.68
C HIS A 19 -3.61 -2.38 -11.18
N ASP A 20 -3.14 -2.41 -12.43
CA ASP A 20 -2.51 -3.60 -13.00
C ASP A 20 -1.38 -4.16 -12.13
N ALA A 21 -0.61 -3.28 -11.51
CA ALA A 21 0.57 -3.67 -10.71
C ALA A 21 0.26 -3.94 -9.23
N ALA A 22 -1.04 -3.99 -8.89
CA ALA A 22 -1.46 -4.06 -7.49
C ALA A 22 -1.41 -5.46 -6.89
N TRP A 23 -1.31 -6.48 -7.73
CA TRP A 23 -1.49 -7.86 -7.28
C TRP A 23 -0.65 -8.28 -6.04
N PRO A 24 0.58 -7.73 -5.83
CA PRO A 24 1.25 -8.19 -4.61
C PRO A 24 0.71 -7.60 -3.31
N PHE A 25 -0.12 -6.57 -3.41
CA PHE A 25 -0.43 -5.72 -2.26
C PHE A 25 -1.90 -5.73 -1.87
N LEU A 26 -2.69 -6.54 -2.56
CA LEU A 26 -4.12 -6.60 -2.32
C LEU A 26 -4.47 -7.26 -0.99
N GLU A 27 -3.67 -8.25 -0.60
CA GLU A 27 -3.92 -9.02 0.64
C GLU A 27 -2.67 -9.10 1.50
N PRO A 28 -2.84 -9.31 2.83
CA PRO A 28 -1.67 -9.50 3.70
C PRO A 28 -0.76 -10.58 3.17
N VAL A 29 0.55 -10.39 3.28
CA VAL A 29 1.49 -11.43 2.90
C VAL A 29 1.30 -12.63 3.83
N ASN A 30 1.26 -13.83 3.25
CA ASN A 30 1.12 -15.05 4.01
C ASN A 30 2.50 -15.60 4.40
N PRO A 31 2.88 -15.40 5.66
CA PRO A 31 4.23 -15.76 6.11
C PRO A 31 4.50 -17.25 6.02
N ARG A 32 3.46 -18.07 5.98
CA ARG A 32 3.62 -19.50 5.81
C ARG A 32 4.11 -19.83 4.41
N LEU A 33 3.80 -18.96 3.46
CA LEU A 33 4.21 -19.14 2.08
C LEU A 33 5.45 -18.33 1.71
N VAL A 34 5.75 -17.28 2.48
CA VAL A 34 6.89 -16.46 2.15
C VAL A 34 7.96 -16.52 3.24
N SER A 35 8.96 -17.35 2.98
CA SER A 35 10.04 -17.61 3.92
C SER A 35 10.77 -16.34 4.32
N GLY A 36 10.94 -16.17 5.63
CA GLY A 36 11.68 -15.02 6.13
C GLY A 36 10.86 -13.77 6.32
N TYR A 37 9.62 -13.75 5.82
CA TYR A 37 8.86 -12.51 5.82
C TYR A 37 8.61 -12.01 7.25
N ARG A 38 8.16 -12.92 8.12
CA ARG A 38 7.88 -12.63 9.52
C ARG A 38 9.05 -11.95 10.24
N ARG A 39 10.23 -12.54 10.07
CA ARG A 39 11.46 -12.06 10.71
C ARG A 39 11.91 -10.68 10.20
N ILE A 40 11.79 -10.46 8.89
CA ILE A 40 12.29 -9.23 8.27
C ILE A 40 11.34 -8.02 8.32
N ILE A 41 10.03 -8.23 8.14
CA ILE A 41 9.10 -7.11 8.12
C ILE A 41 8.35 -7.00 9.44
N LYS A 42 8.60 -5.91 10.16
CA LYS A 42 8.06 -5.71 11.50
C LYS A 42 6.59 -5.28 11.48
N ASN A 43 6.24 -4.38 10.58
CA ASN A 43 4.88 -3.87 10.48
C ASN A 43 4.31 -4.11 9.11
N PRO A 44 3.76 -5.31 8.87
CA PRO A 44 3.13 -5.60 7.58
C PRO A 44 1.98 -4.64 7.27
N MET A 45 1.72 -4.41 5.99
CA MET A 45 0.61 -3.56 5.60
C MET A 45 0.20 -3.89 4.16
N ASP A 46 -1.08 -3.72 3.86
CA ASP A 46 -1.59 -4.04 2.52
C ASP A 46 -2.89 -3.30 2.24
N PHE A 47 -3.34 -3.32 0.98
CA PHE A 47 -4.46 -2.48 0.59
C PHE A 47 -5.77 -2.90 1.28
N SER A 48 -5.97 -4.20 1.50
CA SER A 48 -7.20 -4.67 2.12
C SER A 48 -7.26 -4.25 3.57
N THR A 49 -6.11 -4.24 4.24
CA THR A 49 -6.03 -3.75 5.61
C THR A 49 -6.32 -2.24 5.66
N MET A 50 -5.78 -1.49 4.71
CA MET A 50 -6.09 -0.07 4.63
C MET A 50 -7.56 0.18 4.32
N ARG A 51 -8.13 -0.68 3.49
CA ARG A 51 -9.55 -0.59 3.12
C ARG A 51 -10.44 -0.81 4.33
N GLU A 52 -10.12 -1.85 5.11
CA GLU A 52 -10.91 -2.18 6.29
C GLU A 52 -10.93 -1.01 7.25
N ARG A 53 -9.76 -0.43 7.50
CA ARG A 53 -9.64 0.70 8.41
C ARG A 53 -10.32 1.95 7.87
N LEU A 54 -10.21 2.18 6.56
CA LEU A 54 -10.82 3.36 5.96
C LEU A 54 -12.36 3.27 6.06
N LEU A 55 -12.88 2.07 5.81
CA LEU A 55 -14.31 1.85 5.82
C LEU A 55 -14.87 1.96 7.23
N ARG A 56 -14.06 1.54 8.20
CA ARG A 56 -14.47 1.55 9.59
C ARG A 56 -14.12 2.89 10.23
N GLY A 57 -13.75 3.87 9.40
CA GLY A 57 -13.54 5.23 9.84
C GLY A 57 -12.25 5.51 10.58
N GLY A 58 -11.39 4.50 10.68
CA GLY A 58 -10.21 4.55 11.54
C GLY A 58 -9.03 5.41 11.10
N TYR A 59 -9.22 6.30 10.14
CA TYR A 59 -8.19 7.27 9.77
C TYR A 59 -8.59 8.66 10.20
N THR A 60 -7.73 9.31 10.97
CA THR A 60 -8.01 10.64 11.51
C THR A 60 -7.72 11.71 10.49
N SER A 61 -6.64 11.53 9.74
CA SER A 61 -6.20 12.49 8.74
C SER A 61 -5.81 11.78 7.46
N SER A 62 -5.64 12.55 6.39
CA SER A 62 -5.13 11.98 5.15
C SER A 62 -3.66 11.56 5.36
N GLU A 63 -3.00 12.17 6.34
CA GLU A 63 -1.58 11.87 6.62
C GLU A 63 -1.36 10.48 7.20
N GLU A 64 -2.28 10.02 8.03
CA GLU A 64 -2.20 8.67 8.58
C GLU A 64 -2.38 7.65 7.47
N PHE A 65 -3.21 8.00 6.50
CA PHE A 65 -3.50 7.12 5.39
C PHE A 65 -2.24 7.00 4.54
N ALA A 66 -1.58 8.12 4.31
CA ALA A 66 -0.40 8.14 3.47
C ALA A 66 0.71 7.29 4.08
N ALA A 67 0.80 7.30 5.41
CA ALA A 67 1.81 6.53 6.11
C ALA A 67 1.66 5.04 5.87
N ASP A 68 0.41 4.56 5.92
CA ASP A 68 0.14 3.15 5.62
C ASP A 68 0.48 2.81 4.18
N ALA A 69 0.15 3.71 3.26
CA ALA A 69 0.48 3.49 1.86
C ALA A 69 1.99 3.37 1.67
N LEU A 70 2.72 4.33 2.24
CA LEU A 70 4.18 4.35 2.14
C LEU A 70 4.82 3.14 2.81
N LEU A 71 4.19 2.67 3.88
CA LEU A 71 4.65 1.49 4.60
C LEU A 71 4.57 0.26 3.69
N VAL A 72 3.50 0.16 2.91
CA VAL A 72 3.37 -0.91 1.93
C VAL A 72 4.64 -0.98 1.06
N PHE A 73 5.05 0.16 0.52
CA PHE A 73 6.14 0.21 -0.44
C PHE A 73 7.54 0.18 0.23
N ASP A 74 7.66 0.73 1.42
CA ASP A 74 8.88 0.55 2.23
C ASP A 74 9.11 -0.94 2.55
N ASN A 75 8.07 -1.61 3.04
CA ASN A 75 8.10 -3.07 3.22
C ASN A 75 8.52 -3.80 1.97
N CYS A 76 7.94 -3.38 0.84
CA CYS A 76 8.21 -4.03 -0.42
C CYS A 76 9.69 -3.96 -0.78
N GLN A 77 10.25 -2.76 -0.63
CA GLN A 77 11.66 -2.53 -0.95
C GLN A 77 12.61 -3.17 0.06
N THR A 78 12.19 -3.30 1.30
CA THR A 78 13.01 -4.03 2.28
C THR A 78 13.03 -5.52 2.01
N PHE A 79 11.91 -6.11 1.62
CA PHE A 79 11.91 -7.55 1.45
C PHE A 79 12.27 -8.05 0.07
N ASN A 80 12.02 -7.23 -0.95
CA ASN A 80 12.20 -7.70 -2.33
C ASN A 80 13.30 -6.97 -3.07
N GLU A 81 14.07 -7.70 -3.87
CA GLU A 81 15.01 -7.13 -4.81
C GLU A 81 14.27 -6.18 -5.77
N ASP A 82 14.96 -5.13 -6.19
CA ASP A 82 14.36 -4.14 -7.08
C ASP A 82 14.06 -4.74 -8.45
N ASP A 83 14.79 -5.78 -8.84
CA ASP A 83 14.55 -6.41 -10.14
C ASP A 83 13.69 -7.68 -10.03
N SER A 84 13.23 -8.00 -8.81
CA SER A 84 12.25 -9.07 -8.61
C SER A 84 10.90 -8.67 -9.16
N GLU A 85 10.04 -9.66 -9.44
CA GLU A 85 8.72 -9.39 -10.01
C GLU A 85 7.87 -8.55 -9.05
N VAL A 86 7.92 -8.87 -7.76
CA VAL A 86 7.21 -8.09 -6.75
C VAL A 86 7.82 -6.69 -6.61
N GLY A 87 9.14 -6.62 -6.57
CA GLY A 87 9.82 -5.34 -6.48
C GLY A 87 9.47 -4.40 -7.63
N LYS A 88 9.40 -4.95 -8.83
CA LYS A 88 9.07 -4.13 -10.00
C LYS A 88 7.64 -3.60 -9.88
N ALA A 89 6.73 -4.46 -9.45
CA ALA A 89 5.35 -4.04 -9.25
C ALA A 89 5.25 -2.94 -8.18
N GLY A 90 6.00 -3.11 -7.09
CA GLY A 90 6.03 -2.12 -6.03
C GLY A 90 6.58 -0.76 -6.42
N HIS A 91 7.57 -0.75 -7.31
CA HIS A 91 8.11 0.52 -7.78
C HIS A 91 7.06 1.24 -8.62
N ILE A 92 6.35 0.51 -9.48
CA ILE A 92 5.25 1.09 -10.26
C ILE A 92 4.18 1.62 -9.33
N MET A 93 3.81 0.81 -8.34
CA MET A 93 2.76 1.22 -7.40
C MET A 93 3.20 2.39 -6.55
N ARG A 94 4.46 2.39 -6.10
CA ARG A 94 4.97 3.47 -5.26
C ARG A 94 4.92 4.78 -6.05
N ARG A 95 5.43 4.76 -7.28
CA ARG A 95 5.46 5.99 -8.09
C ARG A 95 4.04 6.43 -8.44
N PHE A 96 3.15 5.47 -8.70
CA PHE A 96 1.75 5.80 -8.93
C PHE A 96 1.16 6.54 -7.72
N PHE A 97 1.33 5.98 -6.51
CA PHE A 97 0.77 6.61 -5.31
C PHE A 97 1.27 8.04 -5.09
N GLU A 98 2.58 8.23 -5.13
CA GLU A 98 3.17 9.53 -4.88
C GLU A 98 2.68 10.54 -5.94
N SER A 99 2.59 10.09 -7.18
CA SER A 99 2.08 10.92 -8.26
C SER A 99 0.64 11.38 -8.03
N ARG A 100 -0.26 10.43 -7.77
CA ARG A 100 -1.68 10.74 -7.54
C ARG A 100 -1.88 11.64 -6.33
N TRP A 101 -1.16 11.32 -5.26
CA TRP A 101 -1.29 12.01 -3.99
C TRP A 101 -0.92 13.48 -4.13
N GLU A 102 0.14 13.74 -4.89
CA GLU A 102 0.72 15.08 -4.96
C GLU A 102 -0.07 16.02 -5.87
N GLU A 103 -0.63 15.49 -6.95
CA GLU A 103 -1.38 16.35 -7.87
C GLU A 103 -2.75 16.72 -7.31
N PHE A 104 -2.91 16.57 -5.99
CA PHE A 104 -4.09 16.95 -5.23
C PHE A 104 -3.69 17.83 -4.03
N TYR A 105 -2.74 17.33 -3.26
CA TYR A 105 -2.16 18.09 -2.16
C TYR A 105 -0.90 18.82 -2.62
C01 7MX B . 0.14 -12.18 -4.15
C02 7MX B . 1.43 -12.81 -3.70
O03 7MX B . 2.35 -11.77 -3.47
C04 7MX B . 3.55 -12.20 -2.90
O05 7MX B . 3.85 -13.36 -3.04
C06 7MX B . 4.41 -11.21 -2.14
C07 7MX B . 3.82 -9.87 -1.80
N08 7MX B . 4.60 -8.89 -1.05
C09 7MX B . 4.02 -7.64 -0.73
C10 7MX B . 5.97 -9.20 -0.63
O11 7MX B . 6.61 -8.37 -0.01
C12 7MX B . 6.58 -10.53 -0.97
C13 7MX B . 5.80 -11.53 -1.72
CL 7MX B . 6.54 -13.07 -2.09
#